data_5UF6
#
_entry.id   5UF6
#
_cell.length_a   1.000
_cell.length_b   1.000
_cell.length_c   1.000
_cell.angle_alpha   90.00
_cell.angle_beta   90.00
_cell.angle_gamma   90.00
#
_symmetry.space_group_name_H-M   'P 1'
#
loop_
_entity.id
_entity.type
_entity.pdbx_description
1 polymer 'capsid protein VP1'
2 branched '2-deoxy-6-O-sulfo-2-(sulfoamino)-alpha-D-glucopyranose-(1-4)-beta-D-glucopyranuronic acid-(1-4)-2-deoxy-3,6-di-O-sulfo-2-(sulfoamino)-alpha-D-glucopyranose-(1-4)-2-O-sulfo-alpha-L-idopyranuronic acid-(1-4)-methyl 2-deoxy-6-O-sulfo-2-(sulfoamino)-alpha-D-glucopyranoside'
3 water water
#
_entity_poly.entity_id   1
_entity_poly.type   'polypeptide(L)'
_entity_poly.pdbx_seq_one_letter_code
;VGNSSGNWHCDSTWMGDRVITTSTRTWALPTYNNHLYKQISNSTSGGSSNDNAYFGYSTPWGYFDFNRFHCHFSPRDWQR
LINNNWGFRPKRLSFKLFNIQVKEVTQNEGTKTIANNLTSTIQVFTDSEYQLPYVLGSAHQGCLPPFPADVFMIPQYGYL
TLNNGSQAVGRSSFYCLEYFPSQMLRTGNNFQFTYTFEDVPFHSSYAHSQSLDRLMNPLIDQYLYYLSRTQTTGGTTNTQ
TLGFSQGGPNTMANQAKNWLPGPCYRQQRVSKTSADNNNSEYSWTGATKYHLNGRDSLVNPGPAMASHKDDEEKFFPQSG
VLIFGKQGSEKTNVDIEKVMITDEEEIRTTNPVATEQYGSVSTNLQRGNRQAATADVNTQGVLPGMVWQDRDVYLQGPIW
AKIPHTDGHFHPSPLMGGFGLKHPPPQILIKNTPVPADPPTTFNQSKLNSFITQYSTGQVSVEIEWELQKENSKRWNPEI
QYTSNYYKSTSVDFAVNTEGVYSEPRPIGTRYLTRNL
;
_entity_poly.pdbx_strand_id   A
#
loop_
_chem_comp.id
_chem_comp.type
_chem_comp.name
_chem_comp.formula
BDP D-saccharide, beta linking 'beta-D-glucopyranuronic acid' 'C6 H10 O7'
IDS L-saccharide, alpha linking '2-O-sulfo-alpha-L-idopyranuronic acid' 'C6 H10 O10 S'
SGN D-saccharide, alpha linking 2-deoxy-6-O-sulfo-2-(sulfoamino)-alpha-D-glucopyranose 'C6 H13 N O11 S2'
SUS D-saccharide, alpha linking 2-deoxy-3,6-di-O-sulfo-2-(sulfoamino)-alpha-D-glucopyranose 'C6 H13 N O14 S3'
ZDO D-saccharide 'methyl 2-deoxy-6-O-sulfo-2-(sulfoamino)-alpha-D-glucopyranoside' 'C7 H15 N O11 S2'
#
# COMPACT_ATOMS: atom_id res chain seq x y z
N VAL A 1 29.65 17.84 21.89
CA VAL A 1 28.78 18.98 22.32
C VAL A 1 28.90 20.20 21.40
N GLY A 2 30.14 20.57 21.04
CA GLY A 2 30.35 21.71 20.17
C GLY A 2 30.81 21.33 18.77
N ASN A 3 30.37 20.17 18.30
CA ASN A 3 30.73 19.69 16.96
C ASN A 3 29.56 18.89 16.36
N SER A 4 29.16 19.25 15.14
CA SER A 4 28.07 18.54 14.47
C SER A 4 28.42 17.06 14.29
N SER A 5 27.39 16.21 14.23
CA SER A 5 27.58 14.77 14.07
C SER A 5 27.51 14.36 12.59
N GLY A 6 26.74 15.11 11.79
CA GLY A 6 26.62 14.81 10.38
C GLY A 6 26.27 16.02 9.52
N ASN A 7 26.06 15.80 8.23
CA ASN A 7 25.70 16.88 7.31
C ASN A 7 24.31 16.62 6.68
N TRP A 8 23.80 17.62 5.96
CA TRP A 8 22.49 17.51 5.33
C TRP A 8 22.52 17.07 3.88
N HIS A 9 22.33 15.78 3.64
CA HIS A 9 22.31 15.23 2.29
C HIS A 9 20.86 14.93 1.94
N CYS A 10 20.34 15.58 0.91
CA CYS A 10 18.95 15.34 0.53
C CYS A 10 18.77 15.56 -0.96
N ASP A 11 19.39 14.70 -1.77
CA ASP A 11 19.33 14.81 -3.22
C ASP A 11 19.48 13.44 -3.86
N SER A 12 19.06 13.33 -5.12
CA SER A 12 19.16 12.07 -5.85
C SER A 12 20.29 12.09 -6.86
N THR A 13 20.86 10.91 -7.12
CA THR A 13 21.96 10.76 -8.06
C THR A 13 21.60 9.68 -9.06
N TRP A 14 21.61 10.03 -10.35
CA TRP A 14 21.28 9.08 -11.40
C TRP A 14 22.53 8.59 -12.11
N MET A 15 22.79 7.30 -12.02
CA MET A 15 23.97 6.68 -12.64
C MET A 15 23.61 5.77 -13.82
N GLY A 16 22.53 6.12 -14.52
CA GLY A 16 22.13 5.33 -15.68
C GLY A 16 21.28 4.11 -15.34
N ASP A 17 21.91 3.10 -14.73
CA ASP A 17 21.20 1.89 -14.36
C ASP A 17 20.66 1.91 -12.95
N ARG A 18 21.04 2.94 -12.18
CA ARG A 18 20.53 3.04 -10.82
C ARG A 18 20.42 4.47 -10.33
N VAL A 19 19.63 4.67 -9.27
CA VAL A 19 19.43 5.99 -8.72
C VAL A 19 19.52 5.92 -7.21
N ILE A 20 20.31 6.79 -6.62
CA ILE A 20 20.45 6.81 -5.18
C ILE A 20 19.75 8.03 -4.62
N THR A 21 18.64 7.83 -3.92
CA THR A 21 17.88 8.92 -3.35
C THR A 21 18.10 9.10 -1.86
N THR A 22 18.75 10.20 -1.48
CA THR A 22 19.01 10.48 -0.08
C THR A 22 17.96 11.46 0.42
N SER A 23 17.61 11.39 1.70
CA SER A 23 16.63 12.33 2.23
C SER A 23 16.79 12.57 3.74
N THR A 24 17.26 13.76 4.10
CA THR A 24 17.45 14.12 5.50
C THR A 24 16.24 14.92 5.99
N ARG A 25 15.88 14.72 7.25
CA ARG A 25 14.76 15.40 7.88
C ARG A 25 15.08 15.64 9.33
N THR A 26 14.31 16.52 9.97
CA THR A 26 14.49 16.85 11.38
C THR A 26 13.31 16.26 12.11
N TRP A 27 13.56 15.57 13.22
CA TRP A 27 12.49 14.95 13.98
C TRP A 27 12.40 15.44 15.41
N ALA A 28 11.33 15.06 16.09
CA ALA A 28 11.10 15.43 17.48
C ALA A 28 10.48 14.22 18.15
N LEU A 29 11.00 13.84 19.32
CA LEU A 29 10.50 12.68 20.03
C LEU A 29 10.02 13.05 21.42
N PRO A 30 8.73 12.87 21.70
CA PRO A 30 8.23 13.21 23.04
C PRO A 30 8.32 11.96 23.89
N THR A 31 8.02 12.06 25.18
CA THR A 31 8.05 10.86 26.02
C THR A 31 6.65 10.28 26.01
N TYR A 32 6.52 9.07 25.47
CA TYR A 32 5.24 8.40 25.37
C TYR A 32 4.86 7.59 26.60
N ASN A 33 3.57 7.53 26.89
CA ASN A 33 3.03 6.82 28.04
C ASN A 33 3.73 7.20 29.33
N ASN A 34 4.47 8.30 29.32
CA ASN A 34 5.20 8.69 30.52
C ASN A 34 6.10 7.51 30.95
N HIS A 35 6.78 6.93 29.98
CA HIS A 35 7.69 5.81 30.18
C HIS A 35 7.08 4.50 30.67
N LEU A 36 5.83 4.23 30.31
CA LEU A 36 5.16 3.02 30.77
C LEU A 36 4.57 2.16 29.66
N TYR A 37 4.56 0.84 29.87
CA TYR A 37 3.95 -0.06 28.90
C TYR A 37 2.55 -0.26 29.41
N LYS A 38 1.57 0.20 28.66
CA LYS A 38 0.21 0.06 29.10
C LYS A 38 -0.51 -0.91 28.20
N GLN A 39 -1.34 -1.76 28.80
CA GLN A 39 -2.12 -2.73 28.06
C GLN A 39 -3.34 -2.00 27.50
N ILE A 40 -3.58 -2.13 26.21
CA ILE A 40 -4.72 -1.48 25.61
C ILE A 40 -5.65 -2.52 24.99
N SER A 41 -6.93 -2.19 24.89
CA SER A 41 -7.92 -3.08 24.30
C SER A 41 -9.01 -2.22 23.72
N ASN A 42 -9.92 -2.83 22.97
CA ASN A 42 -10.99 -2.07 22.34
C ASN A 42 -11.87 -1.41 23.38
N SER A 43 -11.88 -1.97 24.58
CA SER A 43 -12.67 -1.44 25.70
C SER A 43 -12.05 -0.17 26.32
N THR A 44 -10.72 -0.04 26.23
CA THR A 44 -10.04 1.14 26.75
C THR A 44 -10.18 2.29 25.75
N SER A 45 -10.29 1.94 24.46
CA SER A 45 -10.44 2.95 23.41
C SER A 45 -11.93 3.36 23.30
N GLY A 46 -12.74 2.91 24.25
CA GLY A 46 -14.16 3.24 24.28
C GLY A 46 -15.09 2.16 23.75
N GLY A 47 -14.66 0.91 23.88
CA GLY A 47 -15.43 -0.25 23.42
C GLY A 47 -15.79 -0.20 21.94
N SER A 48 -16.12 -1.36 21.39
CA SER A 48 -16.50 -1.47 19.98
C SER A 48 -17.32 -2.73 19.69
N SER A 49 -17.50 -3.02 18.40
CA SER A 49 -18.22 -4.22 17.95
C SER A 49 -17.22 -5.37 18.07
N ASN A 50 -17.58 -6.56 17.59
CA ASN A 50 -16.66 -7.68 17.67
C ASN A 50 -15.65 -7.62 16.53
N ASP A 51 -16.04 -6.96 15.44
CA ASP A 51 -15.17 -6.84 14.28
C ASP A 51 -14.02 -5.86 14.53
N ASN A 52 -14.23 -4.92 15.45
CA ASN A 52 -13.21 -3.93 15.76
C ASN A 52 -12.49 -4.20 17.08
N ALA A 53 -12.83 -5.30 17.73
CA ALA A 53 -12.22 -5.68 19.01
C ALA A 53 -10.74 -5.99 18.90
N TYR A 54 -9.96 -5.58 19.91
CA TYR A 54 -8.52 -5.83 19.92
C TYR A 54 -7.90 -5.89 21.30
N PHE A 55 -6.66 -6.37 21.36
CA PHE A 55 -5.90 -6.47 22.60
C PHE A 55 -4.43 -6.32 22.24
N GLY A 56 -3.80 -5.28 22.74
CA GLY A 56 -2.40 -5.06 22.46
C GLY A 56 -1.74 -4.28 23.57
N TYR A 57 -0.55 -3.77 23.31
CA TYR A 57 0.18 -2.98 24.28
C TYR A 57 0.75 -1.71 23.68
N SER A 58 0.80 -0.65 24.48
CA SER A 58 1.37 0.62 24.06
C SER A 58 2.76 0.56 24.66
N THR A 59 3.73 1.16 24.01
CA THR A 59 5.07 1.15 24.57
C THR A 59 5.54 2.59 24.59
N PRO A 60 6.61 2.89 25.34
CA PRO A 60 7.16 4.24 25.43
C PRO A 60 8.05 4.57 24.24
N TRP A 61 8.17 3.64 23.31
CA TRP A 61 9.03 3.80 22.15
C TRP A 61 8.39 4.39 20.93
N GLY A 62 9.17 5.16 20.19
CA GLY A 62 8.70 5.74 18.95
C GLY A 62 9.41 4.93 17.87
N TYR A 63 9.02 5.08 16.62
CA TYR A 63 9.69 4.34 15.57
C TYR A 63 9.75 5.17 14.29
N PHE A 64 10.81 4.99 13.51
CA PHE A 64 10.93 5.73 12.27
C PHE A 64 10.27 4.98 11.14
N ASP A 65 9.46 5.68 10.36
CA ASP A 65 8.78 5.08 9.24
C ASP A 65 9.00 5.88 7.96
N PHE A 66 9.84 5.35 7.07
CA PHE A 66 10.11 5.99 5.80
C PHE A 66 9.57 5.09 4.68
N ASN A 67 8.48 4.38 4.97
CA ASN A 67 7.90 3.47 4.00
C ASN A 67 6.82 4.14 3.13
N ARG A 68 7.23 5.11 2.32
CA ARG A 68 6.34 5.81 1.39
C ARG A 68 7.25 6.32 0.31
N PHE A 69 6.79 6.34 -0.92
CA PHE A 69 7.66 6.80 -1.99
C PHE A 69 8.02 8.27 -1.97
N HIS A 70 7.19 9.12 -1.38
CA HIS A 70 7.48 10.54 -1.36
C HIS A 70 8.51 10.98 -0.31
N CYS A 71 8.98 10.05 0.50
CA CYS A 71 9.97 10.36 1.52
C CYS A 71 11.32 10.31 0.86
N HIS A 72 11.36 9.65 -0.30
CA HIS A 72 12.60 9.45 -1.03
C HIS A 72 12.71 10.19 -2.35
N PHE A 73 11.64 10.17 -3.13
CA PHE A 73 11.61 10.83 -4.42
C PHE A 73 10.89 12.16 -4.38
N SER A 74 11.40 13.13 -5.12
CA SER A 74 10.74 14.44 -5.19
C SER A 74 9.76 14.33 -6.34
N PRO A 75 8.79 15.25 -6.44
CA PRO A 75 7.89 15.09 -7.57
C PRO A 75 8.59 15.08 -8.91
N ARG A 76 9.75 15.73 -9.01
CA ARG A 76 10.50 15.78 -10.25
C ARG A 76 11.24 14.49 -10.49
N ASP A 77 11.88 13.96 -9.46
CA ASP A 77 12.62 12.71 -9.56
C ASP A 77 11.71 11.57 -9.89
N TRP A 78 10.51 11.61 -9.34
CA TRP A 78 9.53 10.59 -9.59
C TRP A 78 9.09 10.63 -11.03
N GLN A 79 9.01 11.82 -11.60
CA GLN A 79 8.61 11.98 -13.00
C GLN A 79 9.71 11.53 -13.95
N ARG A 80 10.95 11.65 -13.50
CA ARG A 80 12.09 11.27 -14.32
C ARG A 80 12.30 9.77 -14.26
N LEU A 81 11.65 9.13 -13.30
CA LEU A 81 11.75 7.70 -13.12
C LEU A 81 10.59 7.02 -13.81
N ILE A 82 9.46 7.70 -13.80
CA ILE A 82 8.22 7.21 -14.36
C ILE A 82 8.14 7.31 -15.87
N ASN A 83 8.79 8.32 -16.45
CA ASN A 83 8.75 8.51 -17.89
C ASN A 83 9.86 7.78 -18.65
N ASN A 84 10.92 7.39 -17.96
CA ASN A 84 12.02 6.72 -18.65
C ASN A 84 12.29 5.25 -18.35
N ASN A 85 11.86 4.76 -17.20
CA ASN A 85 12.14 3.37 -16.85
C ASN A 85 10.95 2.42 -16.91
N TRP A 86 11.22 1.15 -17.20
CA TRP A 86 10.18 0.14 -17.29
C TRP A 86 9.97 -0.60 -15.99
N GLY A 87 10.98 -0.59 -15.15
CA GLY A 87 10.85 -1.22 -13.85
C GLY A 87 11.85 -0.62 -12.91
N PHE A 88 11.67 -0.85 -11.62
CA PHE A 88 12.64 -0.41 -10.64
C PHE A 88 12.47 -1.21 -9.39
N ARG A 89 13.52 -1.35 -8.62
CA ARG A 89 13.42 -2.07 -7.36
C ARG A 89 14.51 -1.53 -6.47
N PRO A 90 14.36 -1.61 -5.14
CA PRO A 90 15.39 -1.10 -4.24
C PRO A 90 16.51 -2.11 -4.05
N LYS A 91 17.74 -1.63 -3.91
CA LYS A 91 18.85 -2.53 -3.73
C LYS A 91 19.45 -2.48 -2.32
N ARG A 92 19.80 -1.31 -1.83
CA ARG A 92 20.35 -1.20 -0.50
C ARG A 92 19.87 0.08 0.18
N LEU A 93 19.78 0.02 1.50
CA LEU A 93 19.33 1.16 2.30
C LEU A 93 20.39 1.55 3.30
N SER A 94 20.46 2.84 3.65
CA SER A 94 21.46 3.31 4.59
C SER A 94 20.92 4.41 5.50
N PHE A 95 20.41 4.00 6.65
CA PHE A 95 19.83 4.89 7.64
C PHE A 95 20.87 5.45 8.60
N LYS A 96 20.76 6.74 8.90
CA LYS A 96 21.69 7.44 9.79
C LYS A 96 20.93 8.41 10.68
N LEU A 97 21.29 8.48 11.95
CA LEU A 97 20.62 9.35 12.91
C LEU A 97 21.69 10.21 13.57
N PHE A 98 21.58 11.53 13.48
CA PHE A 98 22.61 12.41 14.03
C PHE A 98 22.13 13.75 14.59
N ASN A 99 23.08 14.56 15.05
CA ASN A 99 22.79 15.88 15.61
C ASN A 99 21.69 15.84 16.65
N ILE A 100 21.84 14.93 17.59
CA ILE A 100 20.88 14.70 18.67
C ILE A 100 20.96 15.72 19.80
N GLN A 101 19.79 16.21 20.22
CA GLN A 101 19.70 17.18 21.30
C GLN A 101 18.58 16.72 22.22
N VAL A 102 18.87 16.62 23.50
CA VAL A 102 17.85 16.21 24.45
C VAL A 102 17.46 17.40 25.31
N LYS A 103 16.47 18.14 24.87
CA LYS A 103 16.01 19.32 25.59
C LYS A 103 15.18 18.88 26.78
N GLU A 104 15.23 19.69 27.84
CA GLU A 104 14.53 19.41 29.07
C GLU A 104 13.59 20.55 29.39
N VAL A 105 12.29 20.36 29.16
CA VAL A 105 11.32 21.42 29.42
C VAL A 105 10.84 21.40 30.87
N THR A 106 10.98 22.54 31.54
CA THR A 106 10.57 22.68 32.93
C THR A 106 9.51 23.78 33.08
N GLN A 107 8.25 23.36 33.20
CA GLN A 107 7.14 24.29 33.35
C GLN A 107 6.89 24.73 34.79
N ASN A 108 7.42 25.92 35.13
CA ASN A 108 7.27 26.50 36.47
C ASN A 108 6.59 27.86 36.36
N GLU A 109 5.51 28.05 37.11
CA GLU A 109 4.78 29.32 37.15
C GLU A 109 4.27 29.84 35.78
N GLY A 110 3.57 29.00 35.04
CA GLY A 110 3.05 29.41 33.74
C GLY A 110 4.11 29.71 32.69
N THR A 111 5.35 29.98 33.14
CA THR A 111 6.45 30.27 32.23
C THR A 111 7.22 29.00 31.85
N LYS A 112 7.22 28.67 30.57
CA LYS A 112 7.89 27.48 30.07
C LYS A 112 9.37 27.76 29.76
N THR A 113 10.24 26.90 30.25
CA THR A 113 11.67 27.03 30.03
C THR A 113 12.19 25.73 29.43
N ILE A 114 12.86 25.83 28.28
CA ILE A 114 13.41 24.67 27.61
C ILE A 114 14.92 24.79 27.50
N ALA A 115 15.65 23.98 28.25
CA ALA A 115 17.10 24.02 28.23
C ALA A 115 17.67 22.66 27.84
N ASN A 116 18.78 22.64 27.13
CA ASN A 116 19.37 21.37 26.72
C ASN A 116 20.10 20.65 27.84
N ASN A 117 19.86 19.35 27.93
CA ASN A 117 20.48 18.48 28.92
C ASN A 117 21.54 17.70 28.15
N LEU A 118 22.80 18.12 28.28
CA LEU A 118 23.90 17.48 27.55
C LEU A 118 24.25 16.06 27.99
N THR A 119 23.86 15.69 29.20
CA THR A 119 24.17 14.38 29.73
C THR A 119 23.05 13.34 29.56
N SER A 120 21.88 13.77 29.09
CA SER A 120 20.76 12.86 28.87
C SER A 120 20.99 12.08 27.60
N THR A 121 20.45 10.87 27.52
CA THR A 121 20.62 10.04 26.35
C THR A 121 19.29 9.61 25.74
N ILE A 122 19.37 8.80 24.69
CA ILE A 122 18.21 8.21 24.03
C ILE A 122 18.66 6.83 23.66
N GLN A 123 17.74 5.88 23.64
CA GLN A 123 18.11 4.53 23.28
C GLN A 123 17.51 4.29 21.92
N VAL A 124 18.27 3.66 21.04
CA VAL A 124 17.76 3.36 19.71
C VAL A 124 18.31 2.04 19.25
N PHE A 125 17.42 1.10 18.98
CA PHE A 125 17.83 -0.18 18.49
C PHE A 125 17.02 -0.53 17.27
N THR A 126 17.52 -1.46 16.47
CA THR A 126 16.86 -1.88 15.26
C THR A 126 16.67 -3.37 15.37
N ASP A 127 15.43 -3.85 15.24
CA ASP A 127 15.21 -5.29 15.34
C ASP A 127 15.55 -5.93 14.00
N SER A 128 16.77 -6.44 13.90
CA SER A 128 17.27 -7.06 12.70
C SER A 128 16.87 -8.53 12.61
N GLU A 129 16.33 -9.06 13.71
CA GLU A 129 15.92 -10.46 13.75
C GLU A 129 14.41 -10.66 13.63
N TYR A 130 13.70 -9.54 13.50
CA TYR A 130 12.25 -9.56 13.37
C TYR A 130 11.58 -10.33 14.49
N GLN A 131 12.05 -10.09 15.71
CA GLN A 131 11.50 -10.76 16.89
C GLN A 131 10.33 -9.97 17.47
N LEU A 132 10.15 -8.73 17.01
CA LEU A 132 9.07 -7.88 17.46
C LEU A 132 7.95 -7.81 16.41
N PRO A 133 6.72 -7.51 16.83
CA PRO A 133 5.63 -7.42 15.86
C PRO A 133 5.96 -6.35 14.81
N TYR A 134 5.98 -6.71 13.53
CA TYR A 134 6.28 -5.74 12.48
C TYR A 134 5.04 -4.89 12.24
N VAL A 135 5.18 -3.59 12.47
CA VAL A 135 4.08 -2.65 12.31
C VAL A 135 4.08 -1.85 11.00
N LEU A 136 5.25 -1.67 10.39
CA LEU A 136 5.35 -0.92 9.13
C LEU A 136 4.69 -1.72 7.99
N GLY A 137 4.07 -1.03 7.04
CA GLY A 137 3.42 -1.75 5.97
C GLY A 137 1.94 -1.88 6.22
N SER A 138 1.45 -1.11 7.20
CA SER A 138 0.04 -1.10 7.51
C SER A 138 -0.49 0.26 7.07
N ALA A 139 0.37 0.99 6.35
CA ALA A 139 0.04 2.31 5.84
C ALA A 139 -0.37 3.28 6.94
N HIS A 140 0.42 3.35 8.00
CA HIS A 140 0.12 4.26 9.08
C HIS A 140 0.75 5.61 8.83
N GLN A 141 0.47 6.56 9.70
CA GLN A 141 1.02 7.90 9.55
C GLN A 141 2.38 8.02 10.26
N GLY A 142 2.96 9.21 10.26
CA GLY A 142 4.24 9.39 10.91
C GLY A 142 5.45 9.12 10.05
N CYS A 143 5.35 9.41 8.77
CA CYS A 143 6.48 9.21 7.86
C CYS A 143 7.30 10.47 7.77
N LEU A 144 8.52 10.36 7.25
CA LEU A 144 9.32 11.55 7.07
C LEU A 144 8.41 12.33 6.15
N PRO A 145 8.17 13.62 6.43
CA PRO A 145 7.29 14.32 5.52
C PRO A 145 7.82 14.31 4.09
N PRO A 146 6.97 14.61 3.11
CA PRO A 146 7.41 14.61 1.72
C PRO A 146 8.28 15.81 1.39
N PHE A 147 7.94 16.96 1.99
CA PHE A 147 8.70 18.18 1.78
C PHE A 147 9.85 18.20 2.79
N PRO A 148 11.09 18.39 2.32
CA PRO A 148 12.24 18.40 3.23
C PRO A 148 12.35 19.54 4.21
N ALA A 149 11.63 20.62 3.96
CA ALA A 149 11.69 21.78 4.82
C ALA A 149 11.07 21.58 6.20
N ASP A 150 10.05 20.73 6.30
CA ASP A 150 9.40 20.55 7.58
C ASP A 150 9.86 19.43 8.52
N VAL A 151 9.59 19.66 9.81
CA VAL A 151 9.96 18.74 10.88
C VAL A 151 8.75 17.96 11.36
N PHE A 152 8.96 16.67 11.61
CA PHE A 152 7.89 15.79 12.03
C PHE A 152 8.14 15.20 13.40
N MET A 153 7.11 14.68 14.04
CA MET A 153 7.28 14.04 15.32
C MET A 153 7.18 12.55 15.08
N ILE A 154 7.97 11.79 15.83
CA ILE A 154 8.02 10.35 15.69
C ILE A 154 6.85 9.60 16.32
N PRO A 155 6.14 8.77 15.54
CA PRO A 155 4.98 8.01 16.01
C PRO A 155 5.28 7.05 17.17
N GLN A 156 4.26 6.66 17.92
CA GLN A 156 4.43 5.77 19.06
C GLN A 156 4.25 4.32 18.69
N TYR A 157 5.18 3.47 19.12
CA TYR A 157 5.11 2.06 18.82
C TYR A 157 4.20 1.32 19.80
N GLY A 158 3.29 0.54 19.24
CA GLY A 158 2.37 -0.25 20.04
C GLY A 158 2.06 -1.43 19.16
N TYR A 159 1.85 -2.59 19.76
CA TYR A 159 1.54 -3.78 18.97
C TYR A 159 0.29 -4.49 19.48
N LEU A 160 -0.23 -5.39 18.67
CA LEU A 160 -1.41 -6.17 19.03
C LEU A 160 -1.07 -7.63 19.11
N THR A 161 -1.92 -8.39 19.80
CA THR A 161 -1.73 -9.83 19.93
C THR A 161 -3.09 -10.47 19.74
N LEU A 162 -3.19 -11.75 20.05
CA LEU A 162 -4.44 -12.46 19.92
C LEU A 162 -5.43 -11.91 20.94
N ASN A 163 -6.72 -12.00 20.62
CA ASN A 163 -7.75 -11.52 21.52
C ASN A 163 -9.01 -12.34 21.32
N ASN A 164 -9.89 -12.26 22.31
CA ASN A 164 -11.18 -12.96 22.29
C ASN A 164 -12.09 -11.85 22.80
N GLY A 165 -12.36 -10.88 21.94
CA GLY A 165 -13.16 -9.74 22.36
C GLY A 165 -12.09 -8.78 22.86
N SER A 166 -12.31 -8.14 24.00
CA SER A 166 -11.32 -7.21 24.54
C SER A 166 -10.35 -7.94 25.46
N GLN A 167 -10.50 -9.26 25.55
CA GLN A 167 -9.65 -10.06 26.43
C GLN A 167 -8.48 -10.75 25.75
N ALA A 168 -7.53 -11.20 26.55
CA ALA A 168 -6.34 -11.88 26.06
C ALA A 168 -6.52 -13.38 26.14
N VAL A 169 -6.00 -14.08 25.14
CA VAL A 169 -6.07 -15.53 25.08
C VAL A 169 -4.79 -16.08 25.70
N GLY A 170 -4.64 -17.40 25.70
CA GLY A 170 -3.43 -18.00 26.26
C GLY A 170 -2.18 -17.64 25.49
N ARG A 171 -2.28 -17.69 24.17
CA ARG A 171 -1.14 -17.40 23.29
C ARG A 171 -0.76 -15.93 23.15
N SER A 172 -1.54 -15.04 23.74
CA SER A 172 -1.25 -13.62 23.68
C SER A 172 0.14 -13.40 24.27
N SER A 173 1.03 -12.75 23.54
CA SER A 173 2.37 -12.50 24.02
C SER A 173 2.64 -11.05 24.41
N PHE A 174 3.55 -10.86 25.36
CA PHE A 174 3.93 -9.54 25.83
C PHE A 174 5.41 -9.38 25.54
N TYR A 175 5.73 -8.39 24.71
CA TYR A 175 7.11 -8.13 24.36
C TYR A 175 7.60 -6.86 25.02
N CYS A 176 8.65 -6.97 25.82
CA CYS A 176 9.23 -5.83 26.47
C CYS A 176 10.34 -5.36 25.52
N LEU A 177 10.30 -4.11 25.08
CA LEU A 177 11.30 -3.59 24.15
C LEU A 177 12.60 -3.27 24.86
N GLU A 178 12.54 -3.17 26.17
CA GLU A 178 13.72 -2.87 26.98
C GLU A 178 14.58 -4.10 27.11
N TYR A 179 14.06 -5.22 26.62
CA TYR A 179 14.75 -6.49 26.71
C TYR A 179 15.62 -6.75 25.47
N PHE A 180 15.88 -5.70 24.70
CA PHE A 180 16.70 -5.79 23.49
C PHE A 180 17.90 -4.86 23.69
N PRO A 181 19.03 -5.16 23.04
CA PRO A 181 20.21 -4.30 23.20
C PRO A 181 20.16 -2.97 22.47
N SER A 182 19.72 -1.92 23.15
CA SER A 182 19.64 -0.59 22.56
C SER A 182 21.02 0.04 22.54
N GLN A 183 21.10 1.30 22.10
CA GLN A 183 22.37 1.98 22.04
C GLN A 183 22.20 3.41 22.52
N MET A 184 22.55 3.66 23.77
CA MET A 184 22.41 4.99 24.36
C MET A 184 23.19 6.04 23.60
N LEU A 185 22.53 7.15 23.26
CA LEU A 185 23.19 8.21 22.51
C LEU A 185 23.05 9.60 23.13
N ARG A 186 24.17 10.20 23.51
CA ARG A 186 24.11 11.55 24.07
C ARG A 186 24.25 12.51 22.90
N THR A 187 24.22 13.81 23.14
CA THR A 187 24.41 14.74 22.03
C THR A 187 25.87 14.53 21.65
N GLY A 188 26.17 14.38 20.38
CA GLY A 188 27.54 14.14 19.99
C GLY A 188 27.75 12.74 19.45
N ASN A 189 26.82 11.84 19.78
CA ASN A 189 26.88 10.47 19.30
C ASN A 189 25.95 10.37 18.11
N ASN A 190 26.21 9.43 17.22
CA ASN A 190 25.34 9.23 16.07
C ASN A 190 25.06 7.75 15.88
N PHE A 191 24.00 7.45 15.15
CA PHE A 191 23.59 6.08 14.90
C PHE A 191 23.63 5.84 13.41
N GLN A 192 24.37 4.82 12.99
CA GLN A 192 24.50 4.48 11.58
C GLN A 192 23.99 3.07 11.44
N PHE A 193 23.33 2.77 10.34
CA PHE A 193 22.82 1.43 10.12
C PHE A 193 22.66 1.13 8.63
N THR A 194 23.16 -0.01 8.17
CA THR A 194 23.05 -0.35 6.75
C THR A 194 22.20 -1.59 6.54
N TYR A 195 21.57 -1.68 5.38
CA TYR A 195 20.69 -2.80 5.06
C TYR A 195 20.69 -3.05 3.55
N THR A 196 20.67 -4.30 3.13
CA THR A 196 20.64 -4.63 1.71
C THR A 196 19.45 -5.52 1.40
N PHE A 197 18.60 -5.05 0.50
CA PHE A 197 17.39 -5.77 0.12
C PHE A 197 17.63 -7.11 -0.55
N GLU A 198 16.74 -8.07 -0.28
CA GLU A 198 16.82 -9.39 -0.87
C GLU A 198 16.44 -9.24 -2.34
N ASP A 199 16.45 -10.33 -3.10
CA ASP A 199 16.11 -10.24 -4.51
C ASP A 199 14.59 -10.22 -4.70
N VAL A 200 14.06 -9.08 -5.10
CA VAL A 200 12.62 -8.93 -5.31
C VAL A 200 12.38 -8.54 -6.77
N PRO A 201 11.25 -9.00 -7.37
CA PRO A 201 10.99 -8.65 -8.78
C PRO A 201 10.84 -7.15 -9.03
N PHE A 202 11.30 -6.69 -10.19
CA PHE A 202 11.19 -5.28 -10.53
C PHE A 202 9.72 -4.89 -10.51
N HIS A 203 9.42 -3.65 -10.19
CA HIS A 203 8.04 -3.25 -10.21
C HIS A 203 7.79 -2.84 -11.64
N SER A 204 6.82 -3.49 -12.29
CA SER A 204 6.50 -3.20 -13.68
C SER A 204 5.89 -1.82 -13.85
N SER A 205 6.71 -0.81 -14.09
CA SER A 205 6.17 0.54 -14.26
C SER A 205 5.92 0.89 -15.72
N TYR A 206 5.01 0.15 -16.34
CA TYR A 206 4.61 0.35 -17.72
C TYR A 206 3.20 -0.22 -17.84
N ALA A 207 2.49 0.17 -18.88
CA ALA A 207 1.15 -0.34 -19.12
C ALA A 207 1.31 -1.24 -20.33
N HIS A 208 0.35 -2.10 -20.62
CA HIS A 208 0.49 -2.94 -21.80
C HIS A 208 -0.26 -2.26 -22.92
N SER A 209 0.25 -2.40 -24.13
CA SER A 209 -0.37 -1.77 -25.28
C SER A 209 -1.24 -2.75 -26.05
N GLN A 210 -1.34 -3.98 -25.54
CA GLN A 210 -2.17 -5.02 -26.16
C GLN A 210 -3.07 -5.63 -25.12
N SER A 211 -4.28 -6.01 -25.52
CA SER A 211 -5.22 -6.63 -24.60
C SER A 211 -4.97 -8.13 -24.63
N LEU A 212 -5.03 -8.76 -23.47
CA LEU A 212 -4.79 -10.19 -23.39
C LEU A 212 -5.72 -11.04 -24.25
N ASP A 213 -6.81 -10.46 -24.73
CA ASP A 213 -7.76 -11.21 -25.55
C ASP A 213 -7.71 -10.77 -27.01
N ARG A 214 -6.63 -10.07 -27.36
CA ARG A 214 -6.42 -9.60 -28.72
C ARG A 214 -4.92 -9.72 -29.01
N LEU A 215 -4.43 -10.96 -28.97
CA LEU A 215 -3.02 -11.24 -29.24
C LEU A 215 -2.90 -12.08 -30.50
N MET A 216 -3.85 -11.92 -31.42
CA MET A 216 -3.81 -12.70 -32.65
C MET A 216 -3.34 -11.86 -33.82
N ASN A 217 -3.31 -12.50 -34.98
CA ASN A 217 -2.96 -11.87 -36.23
C ASN A 217 -4.34 -11.58 -36.84
N PRO A 218 -4.74 -10.31 -36.92
CA PRO A 218 -6.04 -9.94 -37.48
C PRO A 218 -6.24 -10.16 -38.98
N LEU A 219 -5.27 -10.77 -39.65
CA LEU A 219 -5.37 -11.01 -41.09
C LEU A 219 -5.54 -12.47 -41.42
N ILE A 220 -5.15 -13.33 -40.48
CA ILE A 220 -5.23 -14.77 -40.69
C ILE A 220 -6.30 -15.43 -39.83
N ASP A 221 -6.85 -16.53 -40.31
CA ASP A 221 -7.86 -17.28 -39.56
C ASP A 221 -7.07 -18.31 -38.77
N GLN A 222 -7.76 -19.09 -37.95
CA GLN A 222 -7.08 -20.12 -37.19
C GLN A 222 -7.28 -21.43 -37.93
N TYR A 223 -6.66 -22.50 -37.46
CA TYR A 223 -6.84 -23.79 -38.10
C TYR A 223 -7.66 -24.64 -37.14
N LEU A 224 -8.19 -23.96 -36.12
CA LEU A 224 -8.98 -24.55 -35.05
C LEU A 224 -10.45 -24.15 -35.16
N TYR A 225 -11.35 -25.12 -35.03
CA TYR A 225 -12.78 -24.86 -35.09
C TYR A 225 -13.45 -24.70 -33.72
N TYR A 226 -14.67 -24.21 -33.73
CA TYR A 226 -15.44 -24.02 -32.51
C TYR A 226 -16.93 -24.19 -32.84
N LEU A 227 -17.73 -24.62 -31.85
CA LEU A 227 -19.16 -24.79 -32.09
C LEU A 227 -19.72 -23.43 -32.48
N SER A 228 -20.10 -23.30 -33.75
CA SER A 228 -20.62 -22.04 -34.25
C SER A 228 -22.14 -21.99 -34.30
N ARG A 229 -22.74 -23.04 -34.83
CA ARG A 229 -24.19 -23.11 -34.95
C ARG A 229 -24.71 -24.40 -34.33
N THR A 230 -25.78 -24.28 -33.55
CA THR A 230 -26.39 -25.41 -32.87
C THR A 230 -27.79 -25.76 -33.39
N GLN A 231 -28.40 -24.82 -34.10
CA GLN A 231 -29.74 -25.01 -34.62
C GLN A 231 -29.75 -24.64 -36.11
N THR A 232 -30.37 -25.48 -36.94
CA THR A 232 -30.42 -25.16 -38.38
C THR A 232 -31.10 -23.81 -38.33
N THR A 233 -30.59 -22.83 -39.06
CA THR A 233 -31.15 -21.48 -38.94
C THR A 233 -32.63 -21.20 -39.21
N GLY A 234 -33.13 -21.37 -40.43
CA GLY A 234 -34.55 -21.03 -40.55
C GLY A 234 -35.68 -21.95 -40.98
N GLY A 235 -35.75 -22.34 -42.26
CA GLY A 235 -36.86 -23.17 -42.69
C GLY A 235 -37.99 -22.43 -41.98
N THR A 236 -38.92 -23.18 -41.38
CA THR A 236 -39.92 -22.59 -40.49
C THR A 236 -39.61 -23.38 -39.20
N THR A 237 -39.33 -24.66 -39.44
CA THR A 237 -39.03 -25.70 -38.45
C THR A 237 -37.57 -25.90 -38.03
N ASN A 238 -36.81 -24.82 -37.83
CA ASN A 238 -35.40 -25.00 -37.48
C ASN A 238 -35.21 -26.01 -36.33
N THR A 239 -34.37 -27.02 -36.60
CA THR A 239 -34.08 -28.11 -35.67
C THR A 239 -32.63 -28.16 -35.15
N GLN A 240 -32.33 -29.16 -34.32
CA GLN A 240 -31.00 -29.33 -33.75
C GLN A 240 -29.98 -29.79 -34.80
N THR A 241 -28.80 -29.17 -34.77
CA THR A 241 -27.71 -29.50 -35.68
C THR A 241 -26.39 -29.18 -34.97
N LEU A 242 -25.29 -29.23 -35.72
CA LEU A 242 -23.98 -28.93 -35.17
C LEU A 242 -23.10 -28.38 -36.28
N GLY A 243 -22.83 -27.08 -36.22
CA GLY A 243 -21.99 -26.44 -37.22
C GLY A 243 -20.76 -25.90 -36.55
N PHE A 244 -19.63 -26.03 -37.23
CA PHE A 244 -18.34 -25.56 -36.69
C PHE A 244 -17.71 -24.55 -37.62
N SER A 245 -17.21 -23.47 -37.04
CA SER A 245 -16.56 -22.44 -37.82
C SER A 245 -15.13 -22.33 -37.36
N GLN A 246 -14.32 -21.65 -38.15
CA GLN A 246 -12.91 -21.43 -37.85
C GLN A 246 -12.80 -20.00 -37.31
N GLY A 247 -12.09 -19.81 -36.21
CA GLY A 247 -11.95 -18.46 -35.68
C GLY A 247 -11.29 -17.61 -36.75
N GLY A 248 -11.71 -16.36 -36.87
CA GLY A 248 -11.10 -15.52 -37.89
C GLY A 248 -11.06 -14.07 -37.48
N PRO A 249 -10.58 -13.18 -38.35
CA PRO A 249 -10.51 -11.75 -38.00
C PRO A 249 -11.84 -11.08 -37.66
N ASN A 250 -12.95 -11.77 -37.90
CA ASN A 250 -14.27 -11.20 -37.62
C ASN A 250 -14.94 -11.78 -36.39
N THR A 251 -14.43 -12.94 -35.97
CA THR A 251 -14.92 -13.66 -34.80
C THR A 251 -13.86 -13.69 -33.70
N MET A 252 -13.14 -12.58 -33.51
CA MET A 252 -12.05 -12.54 -32.54
C MET A 252 -12.46 -13.02 -31.16
N ALA A 253 -13.74 -12.93 -30.84
CA ALA A 253 -14.21 -13.36 -29.53
C ALA A 253 -14.33 -14.88 -29.42
N ASN A 254 -14.57 -15.55 -30.53
CA ASN A 254 -14.72 -17.00 -30.51
C ASN A 254 -13.42 -17.77 -30.73
N GLN A 255 -12.36 -17.08 -31.12
CA GLN A 255 -11.08 -17.75 -31.35
C GLN A 255 -10.58 -18.49 -30.12
N ALA A 256 -9.53 -19.28 -30.32
CA ALA A 256 -8.94 -20.04 -29.24
C ALA A 256 -7.77 -19.27 -28.64
N LYS A 257 -7.74 -19.22 -27.31
CA LYS A 257 -6.70 -18.50 -26.59
C LYS A 257 -5.87 -19.41 -25.69
N ASN A 258 -4.64 -19.01 -25.43
CA ASN A 258 -3.74 -19.78 -24.56
C ASN A 258 -3.76 -19.30 -23.13
N TRP A 259 -4.22 -18.07 -22.90
CA TRP A 259 -4.21 -17.51 -21.55
C TRP A 259 -5.54 -16.97 -21.04
N LEU A 260 -5.60 -16.73 -19.74
CA LEU A 260 -6.79 -16.23 -19.06
C LEU A 260 -6.42 -15.02 -18.20
N PRO A 261 -7.39 -14.13 -17.94
CA PRO A 261 -7.19 -12.92 -17.14
C PRO A 261 -6.86 -13.24 -15.68
N GLY A 262 -6.23 -12.31 -14.98
CA GLY A 262 -5.89 -12.56 -13.59
C GLY A 262 -7.10 -12.86 -12.73
N PRO A 263 -6.91 -13.38 -11.50
CA PRO A 263 -7.99 -13.72 -10.57
C PRO A 263 -8.88 -12.55 -10.15
N CYS A 264 -10.06 -12.89 -9.64
CA CYS A 264 -11.05 -11.91 -9.23
C CYS A 264 -11.71 -12.19 -7.88
N TYR A 265 -12.23 -11.13 -7.25
CA TYR A 265 -12.96 -11.16 -5.98
C TYR A 265 -13.82 -9.91 -6.15
N ARG A 266 -15.00 -10.08 -6.73
CA ARG A 266 -15.86 -8.94 -7.09
C ARG A 266 -16.16 -7.89 -6.03
N GLN A 267 -16.16 -6.64 -6.48
CA GLN A 267 -16.40 -5.46 -5.63
C GLN A 267 -17.69 -4.73 -6.02
N GLN A 268 -18.21 -3.90 -5.11
CA GLN A 268 -19.43 -3.14 -5.40
C GLN A 268 -19.03 -1.87 -6.13
N ARG A 269 -19.79 -1.46 -7.12
CA ARG A 269 -19.45 -0.28 -7.90
C ARG A 269 -20.19 1.00 -7.53
N VAL A 270 -19.47 1.95 -6.94
CA VAL A 270 -20.10 3.21 -6.55
C VAL A 270 -19.70 4.34 -7.51
N SER A 271 -20.59 5.31 -7.67
CA SER A 271 -20.35 6.44 -8.56
C SER A 271 -19.85 7.66 -7.78
N LYS A 272 -18.93 8.43 -8.38
CA LYS A 272 -18.41 9.62 -7.71
C LYS A 272 -19.49 10.69 -7.59
N THR A 273 -20.53 10.57 -8.42
CA THR A 273 -21.66 11.50 -8.39
C THR A 273 -22.72 10.77 -7.53
N SER A 274 -22.86 11.20 -6.30
CA SER A 274 -23.76 10.56 -5.34
C SER A 274 -25.22 10.41 -5.77
N ALA A 275 -25.62 11.10 -6.84
CA ALA A 275 -27.00 11.02 -7.31
C ALA A 275 -27.24 9.71 -8.09
N ASP A 276 -26.14 9.06 -8.49
CA ASP A 276 -26.22 7.82 -9.25
C ASP A 276 -26.17 6.57 -8.37
N ASN A 277 -25.97 6.75 -7.07
CA ASN A 277 -25.90 5.62 -6.15
C ASN A 277 -27.23 5.37 -5.46
N ASN A 278 -27.45 4.12 -5.06
CA ASN A 278 -28.68 3.76 -4.37
C ASN A 278 -28.74 4.55 -3.07
N ASN A 279 -29.94 4.90 -2.64
CA ASN A 279 -30.10 5.68 -1.42
C ASN A 279 -30.21 4.78 -0.19
N SER A 280 -29.10 4.18 0.20
CA SER A 280 -29.05 3.30 1.38
C SER A 280 -27.65 3.34 1.97
N GLU A 281 -27.51 2.87 3.21
CA GLU A 281 -26.20 2.85 3.84
C GLU A 281 -25.59 1.46 3.61
N TYR A 282 -24.88 1.33 2.49
CA TYR A 282 -24.25 0.07 2.13
C TYR A 282 -22.73 0.13 2.24
N SER A 283 -22.21 1.08 2.99
CA SER A 283 -20.77 1.22 3.12
C SER A 283 -20.18 -0.03 3.74
N TRP A 284 -20.95 -0.66 4.63
CA TRP A 284 -20.51 -1.88 5.30
C TRP A 284 -21.32 -3.09 4.86
N THR A 285 -22.59 -2.89 4.57
CA THR A 285 -23.47 -3.99 4.15
C THR A 285 -23.18 -4.52 2.75
N GLY A 286 -23.00 -3.62 1.80
CA GLY A 286 -22.74 -4.04 0.43
C GLY A 286 -21.27 -4.18 0.09
N ALA A 287 -20.42 -4.19 1.11
CA ALA A 287 -18.98 -4.32 0.91
C ALA A 287 -18.54 -5.78 0.81
N THR A 288 -17.39 -6.00 0.17
CA THR A 288 -16.84 -7.35 0.04
C THR A 288 -15.93 -7.44 1.25
N LYS A 289 -16.06 -8.51 2.03
CA LYS A 289 -15.28 -8.62 3.24
C LYS A 289 -14.97 -10.04 3.67
N TYR A 290 -13.70 -10.34 3.90
CA TYR A 290 -13.32 -11.68 4.33
C TYR A 290 -13.67 -11.96 5.79
N HIS A 291 -13.88 -13.23 6.09
CA HIS A 291 -14.24 -13.68 7.43
C HIS A 291 -13.02 -14.37 8.03
N LEU A 292 -12.66 -14.02 9.27
CA LEU A 292 -11.50 -14.64 9.89
C LEU A 292 -11.71 -14.81 11.39
N ASN A 293 -11.85 -16.05 11.83
CA ASN A 293 -12.05 -16.34 13.24
C ASN A 293 -13.33 -15.70 13.78
N GLY A 294 -14.39 -15.74 12.97
CA GLY A 294 -15.67 -15.21 13.40
C GLY A 294 -15.92 -13.73 13.20
N ARG A 295 -14.91 -12.96 12.81
CA ARG A 295 -15.11 -11.54 12.60
C ARG A 295 -14.81 -11.13 11.16
N ASP A 296 -15.61 -10.21 10.63
CA ASP A 296 -15.47 -9.73 9.25
C ASP A 296 -14.57 -8.52 9.11
N SER A 297 -13.77 -8.50 8.05
CA SER A 297 -12.87 -7.40 7.78
C SER A 297 -13.03 -6.99 6.33
N LEU A 298 -12.91 -5.70 6.07
CA LEU A 298 -13.06 -5.18 4.72
C LEU A 298 -11.91 -5.64 3.84
N VAL A 299 -12.22 -6.22 2.69
CA VAL A 299 -11.18 -6.48 1.69
C VAL A 299 -10.93 -5.15 0.99
N ASN A 300 -9.82 -4.52 1.37
CA ASN A 300 -9.51 -3.19 0.93
C ASN A 300 -8.01 -3.07 1.12
N PRO A 301 -7.27 -2.72 0.08
CA PRO A 301 -7.87 -2.47 -1.24
C PRO A 301 -8.20 -3.78 -1.96
N GLY A 302 -7.87 -4.90 -1.32
CA GLY A 302 -8.14 -6.20 -1.90
C GLY A 302 -7.09 -6.61 -2.92
N PRO A 303 -7.41 -7.74 -3.69
CA PRO A 303 -6.35 -8.08 -4.68
C PRO A 303 -6.34 -7.09 -5.84
N ALA A 304 -5.46 -7.31 -6.81
CA ALA A 304 -5.37 -6.39 -7.97
C ALA A 304 -6.37 -6.54 -9.12
N MET A 305 -7.15 -5.48 -9.38
CA MET A 305 -8.15 -5.48 -10.46
C MET A 305 -8.40 -4.09 -11.06
N ALA A 306 -8.77 -4.03 -12.34
CA ALA A 306 -9.05 -2.77 -13.02
C ALA A 306 -10.21 -2.03 -12.34
N SER A 307 -10.16 -0.70 -12.34
CA SER A 307 -11.22 0.08 -11.69
C SER A 307 -12.54 0.16 -12.43
N HIS A 308 -12.47 0.41 -13.74
CA HIS A 308 -13.67 0.54 -14.55
C HIS A 308 -13.39 0.13 -15.99
N LYS A 309 -14.46 0.02 -16.78
CA LYS A 309 -14.34 -0.34 -18.18
C LYS A 309 -14.02 0.94 -18.96
N ASP A 310 -14.10 0.86 -20.28
CA ASP A 310 -13.83 2.03 -21.10
C ASP A 310 -14.92 3.09 -20.97
N ASP A 311 -14.50 4.35 -20.90
CA ASP A 311 -15.41 5.49 -20.79
C ASP A 311 -16.31 5.53 -19.54
N GLU A 312 -15.80 5.07 -18.40
CA GLU A 312 -16.58 5.10 -17.16
C GLU A 312 -15.69 5.55 -16.02
N GLU A 313 -15.22 6.79 -16.08
CA GLU A 313 -14.32 7.31 -15.04
C GLU A 313 -15.06 7.54 -13.73
N LYS A 314 -16.32 7.94 -13.83
CA LYS A 314 -17.14 8.23 -12.65
C LYS A 314 -17.30 7.08 -11.67
N PHE A 315 -17.19 5.85 -12.15
CA PHE A 315 -17.34 4.68 -11.28
C PHE A 315 -16.05 4.13 -10.70
N PHE A 316 -16.08 3.79 -9.42
CA PHE A 316 -14.90 3.20 -8.78
C PHE A 316 -15.38 2.07 -7.86
N PRO A 317 -14.57 1.00 -7.73
CA PRO A 317 -14.97 -0.11 -6.86
C PRO A 317 -15.05 0.43 -5.45
N GLN A 318 -15.97 -0.08 -4.64
CA GLN A 318 -16.14 0.44 -3.30
C GLN A 318 -14.87 0.41 -2.45
N SER A 319 -14.18 -0.72 -2.43
CA SER A 319 -12.95 -0.83 -1.64
C SER A 319 -11.70 -1.04 -2.51
N GLY A 320 -11.91 -1.56 -3.71
CA GLY A 320 -10.80 -1.86 -4.61
C GLY A 320 -9.81 -0.84 -5.10
N VAL A 321 -9.68 0.30 -4.42
CA VAL A 321 -8.72 1.32 -4.83
C VAL A 321 -8.07 1.96 -3.61
N LEU A 322 -6.95 2.64 -3.83
CA LEU A 322 -6.28 3.32 -2.75
C LEU A 322 -6.80 4.74 -2.78
N ILE A 323 -7.29 5.23 -1.65
CA ILE A 323 -7.80 6.58 -1.59
C ILE A 323 -6.91 7.38 -0.67
N PHE A 324 -6.21 8.35 -1.23
CA PHE A 324 -5.33 9.20 -0.45
C PHE A 324 -6.15 10.41 -0.08
N GLY A 325 -5.63 11.26 0.78
CA GLY A 325 -6.38 12.44 1.16
C GLY A 325 -5.63 13.70 0.78
N LYS A 326 -6.33 14.70 0.27
CA LYS A 326 -5.67 15.93 -0.10
C LYS A 326 -5.09 16.58 1.15
N GLN A 327 -4.27 17.60 0.99
CA GLN A 327 -3.63 18.24 2.13
C GLN A 327 -4.61 18.81 3.17
N GLY A 328 -4.33 18.51 4.44
CA GLY A 328 -5.16 19.00 5.52
C GLY A 328 -6.53 18.36 5.66
N SER A 329 -6.85 17.41 4.78
CA SER A 329 -8.14 16.74 4.83
C SER A 329 -8.32 16.07 6.19
N GLU A 330 -9.51 16.22 6.75
CA GLU A 330 -9.84 15.66 8.06
C GLU A 330 -9.71 14.16 8.13
N LYS A 331 -10.19 13.60 9.24
CA LYS A 331 -10.13 12.17 9.46
C LYS A 331 -11.44 11.41 9.22
N THR A 332 -12.56 12.01 9.61
CA THR A 332 -13.86 11.34 9.50
C THR A 332 -14.91 11.95 8.57
N ASN A 333 -15.60 11.07 7.84
CA ASN A 333 -16.67 11.42 6.90
C ASN A 333 -16.39 12.64 6.02
N VAL A 334 -15.13 12.79 5.65
CA VAL A 334 -14.70 13.88 4.79
C VAL A 334 -15.39 13.64 3.44
N ASP A 335 -15.73 14.69 2.70
CA ASP A 335 -16.39 14.51 1.41
C ASP A 335 -15.43 14.11 0.29
N ILE A 336 -15.98 13.80 -0.89
CA ILE A 336 -15.17 13.34 -2.01
C ILE A 336 -14.21 14.35 -2.68
N GLU A 337 -14.34 15.64 -2.35
CA GLU A 337 -13.45 16.62 -2.94
C GLU A 337 -12.25 16.82 -2.01
N LYS A 338 -12.22 16.01 -0.96
CA LYS A 338 -11.17 16.06 0.05
C LYS A 338 -10.27 14.84 -0.02
N VAL A 339 -10.50 13.99 -1.01
CA VAL A 339 -9.69 12.79 -1.19
C VAL A 339 -9.31 12.66 -2.67
N MET A 340 -8.36 11.78 -2.94
CA MET A 340 -7.91 11.54 -4.30
C MET A 340 -7.99 10.05 -4.57
N ILE A 341 -9.04 9.62 -5.28
CA ILE A 341 -9.26 8.22 -5.60
C ILE A 341 -8.42 7.77 -6.80
N THR A 342 -7.53 6.82 -6.58
CA THR A 342 -6.66 6.32 -7.66
C THR A 342 -7.43 5.57 -8.75
N ASP A 343 -6.89 5.57 -9.96
CA ASP A 343 -7.54 4.93 -11.10
C ASP A 343 -6.68 3.77 -11.65
N GLU A 344 -6.99 2.54 -11.25
CA GLU A 344 -6.24 1.37 -11.69
C GLU A 344 -6.67 0.83 -13.06
N GLU A 345 -7.09 1.72 -13.96
CA GLU A 345 -7.57 1.29 -15.28
C GLU A 345 -6.53 0.88 -16.32
N GLU A 346 -5.24 1.07 -16.05
CA GLU A 346 -4.27 0.68 -17.07
C GLU A 346 -4.01 -0.82 -17.12
N ILE A 347 -4.65 -1.59 -16.24
CA ILE A 347 -4.48 -3.03 -16.24
C ILE A 347 -5.74 -3.77 -16.69
N ARG A 348 -6.57 -3.10 -17.48
CA ARG A 348 -7.78 -3.72 -18.01
C ARG A 348 -7.39 -4.68 -19.10
N THR A 349 -6.11 -4.67 -19.44
CA THR A 349 -5.60 -5.54 -20.50
C THR A 349 -5.44 -6.97 -20.01
N THR A 350 -4.99 -7.14 -18.77
CA THR A 350 -4.79 -8.47 -18.20
C THR A 350 -5.71 -8.80 -17.02
N ASN A 351 -5.98 -7.80 -16.18
CA ASN A 351 -6.82 -8.00 -15.00
C ASN A 351 -8.30 -7.67 -15.27
N PRO A 352 -9.22 -8.45 -14.68
CA PRO A 352 -10.64 -8.19 -14.88
C PRO A 352 -11.08 -6.95 -14.10
N VAL A 353 -12.15 -6.31 -14.55
CA VAL A 353 -12.65 -5.12 -13.86
C VAL A 353 -13.14 -5.52 -12.47
N ALA A 354 -12.75 -4.74 -11.47
CA ALA A 354 -13.10 -5.01 -10.08
C ALA A 354 -14.60 -5.07 -9.80
N THR A 355 -15.38 -4.39 -10.62
CA THR A 355 -16.83 -4.33 -10.42
C THR A 355 -17.70 -5.12 -11.38
N GLU A 356 -17.15 -6.18 -11.98
CA GLU A 356 -17.92 -7.00 -12.90
C GLU A 356 -17.61 -8.48 -12.74
N GLN A 357 -18.51 -9.34 -13.20
CA GLN A 357 -18.30 -10.78 -13.07
C GLN A 357 -17.02 -11.16 -13.79
N TYR A 358 -16.39 -12.25 -13.36
CA TYR A 358 -15.17 -12.68 -14.02
C TYR A 358 -15.53 -13.34 -15.33
N GLY A 359 -16.45 -14.30 -15.26
CA GLY A 359 -16.88 -15.01 -16.44
C GLY A 359 -18.25 -15.60 -16.24
N SER A 360 -18.59 -16.55 -17.10
CA SER A 360 -19.87 -17.27 -17.03
C SER A 360 -19.50 -18.76 -17.14
N VAL A 361 -20.13 -19.60 -16.32
CA VAL A 361 -19.87 -21.04 -16.39
C VAL A 361 -21.15 -21.81 -16.55
N SER A 362 -21.09 -22.96 -17.22
CA SER A 362 -22.28 -23.78 -17.41
C SER A 362 -22.68 -24.39 -16.07
N THR A 363 -23.93 -24.25 -15.67
CA THR A 363 -24.39 -24.80 -14.39
C THR A 363 -25.20 -26.10 -14.46
N ASN A 364 -25.42 -26.61 -15.66
N ASN A 364 -25.54 -26.70 -15.69
CA ASN A 364 -26.18 -27.86 -15.82
CA ASN A 364 -26.27 -27.94 -15.88
C ASN A 364 -25.74 -28.63 -17.06
C ASN A 364 -25.75 -28.75 -17.07
N LEU A 365 -26.52 -29.65 -17.40
N LEU A 365 -26.54 -29.72 -17.52
CA LEU A 365 -26.25 -30.49 -18.57
CA LEU A 365 -26.17 -30.57 -18.63
C LEU A 365 -27.42 -30.38 -19.55
C LEU A 365 -27.32 -30.54 -19.64
N GLN A 366 -27.27 -29.55 -20.58
N GLN A 366 -27.29 -29.53 -20.52
CA GLN A 366 -28.36 -29.38 -21.55
CA GLN A 366 -28.35 -29.36 -21.52
C GLN A 366 -28.69 -30.71 -22.20
C GLN A 366 -28.70 -30.69 -22.20
N ARG A 367 -29.98 -30.90 -22.48
N ARG A 367 -30.01 -30.91 -22.34
CA ARG A 367 -30.47 -32.14 -23.07
CA ARG A 367 -30.53 -32.12 -22.95
C ARG A 367 -31.64 -31.79 -23.98
C ARG A 367 -31.70 -31.76 -23.85
N GLY A 368 -32.32 -32.82 -24.49
N GLY A 368 -32.27 -32.76 -24.52
CA GLY A 368 -33.46 -32.57 -25.36
CA GLY A 368 -33.40 -32.51 -25.40
C GLY A 368 -34.47 -31.63 -24.73
C GLY A 368 -34.49 -31.68 -24.77
N ASN A 369 -34.78 -31.85 -23.45
N ASN A 369 -34.84 -31.99 -23.52
CA ASN A 369 -35.77 -31.02 -22.74
CA ASN A 369 -35.90 -31.26 -22.82
C ASN A 369 -35.15 -29.90 -21.87
C ASN A 369 -35.39 -30.13 -21.93
N ARG A 370 -34.01 -30.17 -21.23
N ARG A 370 -34.20 -30.31 -21.36
CA ARG A 370 -33.33 -29.18 -20.40
CA ARG A 370 -33.62 -29.29 -20.48
C ARG A 370 -32.48 -28.29 -21.29
C ARG A 370 -32.83 -28.25 -21.26
N GLN A 371 -32.55 -26.97 -21.10
N GLN A 371 -32.97 -27.00 -20.85
CA GLN A 371 -31.75 -26.10 -21.94
CA GLN A 371 -32.28 -25.87 -21.48
C GLN A 371 -30.54 -25.53 -21.20
C GLN A 371 -30.87 -25.70 -20.92
N ALA A 372 -29.53 -25.14 -21.98
N ALA A 372 -30.01 -25.04 -21.69
CA ALA A 372 -28.26 -24.65 -21.44
CA ALA A 372 -28.63 -24.81 -21.31
C ALA A 372 -28.32 -23.44 -20.51
C ALA A 372 -28.48 -23.54 -20.49
N ALA A 373 -28.05 -23.69 -19.23
N ALA A 373 -28.29 -23.73 -19.19
CA ALA A 373 -28.03 -22.66 -18.19
CA ALA A 373 -28.16 -22.59 -18.30
C ALA A 373 -26.58 -22.27 -17.92
C ALA A 373 -26.73 -22.29 -17.94
N THR A 374 -26.37 -21.06 -17.38
CA THR A 374 -25.02 -20.60 -17.10
C THR A 374 -25.06 -19.63 -15.91
N ALA A 375 -23.96 -19.57 -15.15
CA ALA A 375 -23.87 -18.68 -13.98
C ALA A 375 -22.78 -17.64 -14.11
N ASP A 376 -22.86 -16.60 -13.30
CA ASP A 376 -21.85 -15.55 -13.31
C ASP A 376 -20.85 -15.82 -12.20
N VAL A 377 -19.57 -15.79 -12.57
CA VAL A 377 -18.49 -16.04 -11.64
C VAL A 377 -18.03 -14.75 -10.99
N ASN A 378 -18.37 -14.55 -9.72
CA ASN A 378 -18.00 -13.35 -9.00
C ASN A 378 -16.60 -13.48 -8.40
N THR A 379 -16.32 -14.62 -7.80
CA THR A 379 -15.02 -14.87 -7.20
C THR A 379 -14.33 -15.99 -7.98
N GLN A 380 -13.10 -15.72 -8.43
CA GLN A 380 -12.35 -16.70 -9.17
C GLN A 380 -10.89 -16.79 -8.75
N GLY A 381 -10.52 -17.90 -8.12
CA GLY A 381 -9.13 -18.09 -7.69
C GLY A 381 -8.29 -18.40 -8.90
N VAL A 382 -6.97 -18.40 -8.76
CA VAL A 382 -6.09 -18.67 -9.89
C VAL A 382 -6.30 -20.04 -10.51
N LEU A 383 -5.90 -20.16 -11.78
CA LEU A 383 -6.03 -21.38 -12.54
C LEU A 383 -4.79 -21.46 -13.43
N PRO A 384 -4.39 -22.68 -13.82
CA PRO A 384 -3.21 -22.77 -14.69
C PRO A 384 -3.52 -22.01 -15.96
N GLY A 385 -2.62 -21.13 -16.38
CA GLY A 385 -2.85 -20.38 -17.59
C GLY A 385 -3.23 -18.93 -17.37
N MET A 386 -3.44 -18.53 -16.12
CA MET A 386 -3.80 -17.14 -15.82
C MET A 386 -2.57 -16.26 -15.85
N VAL A 387 -2.78 -14.98 -16.10
CA VAL A 387 -1.72 -13.99 -16.14
C VAL A 387 -2.33 -12.70 -15.66
N TRP A 388 -1.64 -11.95 -14.80
CA TRP A 388 -2.19 -10.72 -14.28
C TRP A 388 -1.09 -9.74 -13.96
N GLN A 389 -1.46 -8.49 -13.68
CA GLN A 389 -0.49 -7.45 -13.29
C GLN A 389 -0.78 -7.09 -11.83
N ASP A 390 0.23 -6.55 -11.15
CA ASP A 390 0.04 -6.17 -9.76
C ASP A 390 -0.34 -4.70 -9.66
N ARG A 391 -0.89 -4.31 -8.51
CA ARG A 391 -1.31 -2.93 -8.31
C ARG A 391 -0.13 -1.96 -8.47
N ASP A 392 -0.42 -0.76 -8.96
CA ASP A 392 0.58 0.29 -9.20
C ASP A 392 1.23 0.78 -7.90
N VAL A 393 2.17 1.73 -7.98
CA VAL A 393 2.80 2.20 -6.75
C VAL A 393 2.49 3.58 -6.18
N TYR A 394 2.16 4.61 -6.97
CA TYR A 394 1.79 5.82 -6.24
C TYR A 394 2.76 6.60 -5.37
N LEU A 395 3.47 7.57 -5.93
CA LEU A 395 4.44 8.36 -5.17
C LEU A 395 4.01 8.73 -3.75
N GLN A 396 2.74 8.52 -3.38
CA GLN A 396 2.32 8.81 -2.01
C GLN A 396 2.08 7.51 -1.26
N GLY A 397 2.10 6.40 -1.99
CA GLY A 397 1.84 5.11 -1.39
C GLY A 397 3.02 4.41 -0.77
N PRO A 398 2.79 3.21 -0.20
CA PRO A 398 3.81 2.39 0.46
C PRO A 398 4.86 1.84 -0.48
N ILE A 399 6.02 1.47 0.07
CA ILE A 399 7.09 0.91 -0.72
C ILE A 399 7.16 -0.59 -0.56
N TRP A 400 7.17 -1.08 0.69
CA TRP A 400 7.26 -2.51 0.92
C TRP A 400 6.35 -2.93 2.05
N ALA A 401 6.29 -4.23 2.27
CA ALA A 401 5.51 -4.82 3.33
C ALA A 401 6.20 -6.13 3.66
N LYS A 402 6.15 -6.53 4.93
CA LYS A 402 6.78 -7.79 5.32
C LYS A 402 5.85 -8.94 4.95
N ILE A 403 6.39 -9.94 4.25
CA ILE A 403 5.60 -11.11 3.89
C ILE A 403 5.45 -11.86 5.22
N PRO A 404 4.21 -12.15 5.63
CA PRO A 404 3.96 -12.84 6.91
C PRO A 404 4.70 -14.16 7.00
N HIS A 405 5.24 -14.46 8.18
CA HIS A 405 5.95 -15.70 8.36
C HIS A 405 4.95 -16.85 8.51
N THR A 406 4.57 -17.41 7.37
CA THR A 406 3.63 -18.52 7.31
C THR A 406 4.34 -19.56 6.46
N ASP A 407 3.81 -20.77 6.40
CA ASP A 407 4.46 -21.79 5.58
C ASP A 407 3.84 -21.87 4.20
N GLY A 408 2.94 -20.95 3.92
CA GLY A 408 2.30 -20.93 2.62
C GLY A 408 1.85 -19.54 2.21
N HIS A 409 2.32 -19.09 1.06
CA HIS A 409 1.92 -17.80 0.52
C HIS A 409 1.98 -17.84 -0.99
N PHE A 410 0.92 -17.37 -1.64
CA PHE A 410 0.88 -17.37 -3.09
C PHE A 410 1.16 -15.98 -3.63
N HIS A 411 2.15 -15.85 -4.50
CA HIS A 411 2.47 -14.56 -5.09
C HIS A 411 2.48 -13.48 -4.04
N PRO A 412 3.37 -13.58 -3.05
CA PRO A 412 3.50 -12.64 -1.94
C PRO A 412 3.69 -11.15 -2.23
N SER A 413 3.07 -10.64 -3.28
CA SER A 413 3.16 -9.21 -3.57
C SER A 413 2.04 -8.58 -2.74
N PRO A 414 2.34 -7.52 -1.96
CA PRO A 414 1.37 -6.83 -1.10
C PRO A 414 0.19 -6.30 -1.89
N LEU A 415 -1.00 -6.43 -1.32
CA LEU A 415 -2.20 -5.98 -2.00
C LEU A 415 -2.34 -4.47 -2.09
N MET A 416 -1.58 -3.75 -1.28
CA MET A 416 -1.62 -2.29 -1.28
C MET A 416 -0.57 -1.73 -2.23
N GLY A 417 0.17 -2.61 -2.90
CA GLY A 417 1.20 -2.20 -3.81
C GLY A 417 2.55 -2.25 -3.12
N GLY A 418 3.62 -2.18 -3.90
CA GLY A 418 4.93 -2.23 -3.30
C GLY A 418 5.66 -3.54 -3.51
N PHE A 419 6.70 -3.77 -2.71
CA PHE A 419 7.53 -4.96 -2.80
C PHE A 419 7.34 -5.82 -1.57
N GLY A 420 6.94 -7.07 -1.77
CA GLY A 420 6.76 -7.96 -0.63
C GLY A 420 8.12 -8.49 -0.26
N LEU A 421 8.51 -8.30 1.00
CA LEU A 421 9.81 -8.74 1.46
C LEU A 421 9.70 -9.65 2.67
N LYS A 422 10.52 -10.70 2.71
CA LYS A 422 10.49 -11.62 3.84
C LYS A 422 11.32 -11.05 4.97
N HIS A 423 12.30 -10.22 4.61
CA HIS A 423 13.20 -9.56 5.54
C HIS A 423 13.25 -8.12 5.09
N PRO A 424 12.22 -7.33 5.45
CA PRO A 424 12.08 -5.92 5.11
C PRO A 424 12.97 -5.04 5.94
N PRO A 425 13.11 -3.75 5.58
CA PRO A 425 13.98 -2.95 6.44
C PRO A 425 13.44 -3.08 7.85
N PRO A 426 14.30 -3.41 8.81
CA PRO A 426 13.92 -3.59 10.20
C PRO A 426 13.27 -2.34 10.77
N GLN A 427 12.67 -2.45 11.95
CA GLN A 427 12.04 -1.27 12.54
C GLN A 427 13.05 -0.60 13.44
N ILE A 428 13.30 0.68 13.21
CA ILE A 428 14.24 1.40 14.06
C ILE A 428 13.40 1.98 15.19
N LEU A 429 13.59 1.47 16.41
CA LEU A 429 12.84 1.99 17.53
C LEU A 429 13.71 2.91 18.36
N ILE A 430 13.12 3.98 18.87
CA ILE A 430 13.85 4.97 19.65
C ILE A 430 13.00 5.61 20.74
N LYS A 431 13.58 5.83 21.92
CA LYS A 431 12.86 6.45 23.02
C LYS A 431 13.85 7.30 23.77
N ASN A 432 13.35 8.16 24.67
CA ASN A 432 14.21 9.01 25.51
C ASN A 432 14.46 8.20 26.77
N THR A 433 15.71 8.05 27.19
CA THR A 433 15.96 7.32 28.42
C THR A 433 15.42 8.14 29.59
N PRO A 434 14.70 7.49 30.52
CA PRO A 434 14.12 8.16 31.70
C PRO A 434 15.17 8.83 32.58
N VAL A 435 14.81 9.97 33.15
CA VAL A 435 15.70 10.68 34.04
C VAL A 435 14.85 11.05 35.24
N PRO A 436 14.96 10.28 36.34
CA PRO A 436 14.19 10.51 37.56
C PRO A 436 14.40 11.84 38.27
N ALA A 437 13.32 12.36 38.85
CA ALA A 437 13.37 13.61 39.59
C ALA A 437 13.95 13.22 40.96
N ASP A 438 14.25 14.20 41.80
CA ASP A 438 14.86 13.90 43.10
C ASP A 438 14.07 12.93 43.96
N PRO A 439 14.68 11.74 44.23
CA PRO A 439 14.09 10.67 45.04
C PRO A 439 14.01 11.04 46.52
N PRO A 440 13.19 10.32 47.30
CA PRO A 440 13.05 10.61 48.74
C PRO A 440 14.41 10.46 49.41
N THR A 441 14.54 10.94 50.64
CA THR A 441 15.82 10.82 51.33
C THR A 441 15.80 9.57 52.22
N THR A 442 14.72 8.80 52.11
CA THR A 442 14.54 7.56 52.86
C THR A 442 14.10 6.51 51.83
N PHE A 443 14.69 5.33 51.91
CA PHE A 443 14.37 4.27 50.96
C PHE A 443 12.92 3.79 50.89
N ASN A 444 12.39 3.80 49.67
CA ASN A 444 11.04 3.33 49.39
C ASN A 444 11.15 2.30 48.28
N GLN A 445 10.73 1.07 48.56
CA GLN A 445 10.82 -0.02 47.59
C GLN A 445 10.08 0.22 46.28
N SER A 446 9.12 1.14 46.29
CA SER A 446 8.32 1.45 45.12
C SER A 446 9.13 2.08 43.99
N LYS A 447 8.83 1.70 42.75
CA LYS A 447 9.53 2.24 41.59
C LYS A 447 9.25 3.73 41.48
N LEU A 448 10.26 4.48 41.05
CA LEU A 448 10.13 5.92 40.91
C LEU A 448 9.18 6.28 39.77
N ASN A 449 8.19 7.11 40.08
CA ASN A 449 7.20 7.55 39.10
C ASN A 449 7.31 9.02 38.73
N SER A 450 8.27 9.72 39.34
CA SER A 450 8.48 11.12 39.05
C SER A 450 9.68 11.24 38.12
N PHE A 451 9.48 11.86 36.95
CA PHE A 451 10.57 12.01 35.99
C PHE A 451 10.75 13.43 35.51
N ILE A 452 11.94 13.71 34.99
CA ILE A 452 12.25 15.02 34.44
C ILE A 452 11.64 15.05 33.05
N THR A 453 10.80 16.06 32.78
CA THR A 453 10.16 16.16 31.48
C THR A 453 11.15 16.56 30.39
N GLN A 454 11.30 15.72 29.39
CA GLN A 454 12.21 16.02 28.29
C GLN A 454 11.78 15.37 27.00
N TYR A 455 12.37 15.84 25.92
CA TYR A 455 12.08 15.34 24.59
C TYR A 455 13.37 15.55 23.81
N SER A 456 13.58 14.77 22.76
CA SER A 456 14.78 14.92 21.97
C SER A 456 14.45 15.29 20.56
N THR A 457 15.42 15.88 19.87
CA THR A 457 15.26 16.29 18.48
C THR A 457 16.56 15.93 17.78
N GLY A 458 16.65 16.18 16.48
CA GLY A 458 17.86 15.85 15.76
C GLY A 458 17.51 15.54 14.34
N GLN A 459 18.50 15.20 13.51
CA GLN A 459 18.24 14.89 12.12
C GLN A 459 18.34 13.41 11.82
N VAL A 460 17.78 13.00 10.70
CA VAL A 460 17.80 11.60 10.28
C VAL A 460 17.92 11.55 8.77
N SER A 461 18.82 10.72 8.26
CA SER A 461 19.02 10.60 6.81
C SER A 461 18.67 9.19 6.43
N VAL A 462 18.21 9.01 5.20
CA VAL A 462 17.89 7.68 4.71
C VAL A 462 18.24 7.65 3.24
N GLU A 463 19.27 6.89 2.92
CA GLU A 463 19.74 6.76 1.57
C GLU A 463 19.33 5.42 0.99
N ILE A 464 18.67 5.43 -0.16
CA ILE A 464 18.28 4.17 -0.78
C ILE A 464 18.77 4.10 -2.21
N GLU A 465 19.35 2.97 -2.58
CA GLU A 465 19.83 2.79 -3.93
C GLU A 465 18.81 1.94 -4.66
N TRP A 466 18.31 2.44 -5.79
CA TRP A 466 17.32 1.74 -6.57
C TRP A 466 17.89 1.28 -7.88
N GLU A 467 17.53 0.08 -8.29
CA GLU A 467 18.00 -0.43 -9.55
C GLU A 467 16.90 -0.10 -10.54
N LEU A 468 17.28 0.37 -11.71
CA LEU A 468 16.30 0.74 -12.72
C LEU A 468 16.37 -0.24 -13.88
N GLN A 469 15.35 -0.21 -14.71
CA GLN A 469 15.27 -1.06 -15.88
C GLN A 469 14.85 -0.13 -16.99
N LYS A 470 15.83 0.43 -17.67
CA LYS A 470 15.59 1.40 -18.73
C LYS A 470 14.67 0.90 -19.84
N GLU A 471 13.87 1.83 -20.37
CA GLU A 471 12.93 1.52 -21.44
C GLU A 471 13.62 1.48 -22.83
N ASN A 472 13.45 0.36 -23.52
CA ASN A 472 14.03 0.13 -24.83
C ASN A 472 12.94 0.06 -25.94
N SER A 473 11.87 0.84 -25.79
CA SER A 473 10.76 0.82 -26.75
C SER A 473 11.16 1.11 -28.18
N LYS A 474 10.75 0.22 -29.07
CA LYS A 474 11.02 0.31 -30.49
C LYS A 474 9.74 0.76 -31.21
N ARG A 475 8.86 1.38 -30.45
CA ARG A 475 7.57 1.91 -30.92
C ARG A 475 7.89 3.06 -31.87
N TRP A 476 6.96 3.41 -32.76
CA TRP A 476 7.23 4.49 -33.69
C TRP A 476 6.69 5.83 -33.24
N ASN A 477 5.40 5.89 -32.90
CA ASN A 477 4.81 7.14 -32.47
C ASN A 477 5.13 7.42 -31.00
N PRO A 478 4.99 8.69 -30.57
CA PRO A 478 5.27 9.11 -29.20
C PRO A 478 4.45 8.43 -28.11
N GLU A 479 5.04 8.29 -26.92
CA GLU A 479 4.35 7.67 -25.80
C GLU A 479 3.65 8.69 -24.91
N ILE A 480 3.07 8.19 -23.82
CA ILE A 480 2.35 9.02 -22.87
C ILE A 480 3.23 9.30 -21.67
N GLN A 481 3.72 10.53 -21.58
CA GLN A 481 4.59 10.92 -20.48
C GLN A 481 3.78 11.64 -19.41
N TYR A 482 4.30 11.69 -18.19
CA TYR A 482 3.62 12.43 -17.14
C TYR A 482 4.14 13.84 -17.32
N THR A 483 3.24 14.81 -17.41
CA THR A 483 3.66 16.19 -17.60
C THR A 483 2.82 17.14 -16.78
N SER A 484 3.42 18.23 -16.33
CA SER A 484 2.70 19.25 -15.60
C SER A 484 1.97 20.01 -16.70
N ASN A 485 0.65 20.12 -16.60
CA ASN A 485 -0.08 20.81 -17.65
C ASN A 485 0.44 22.25 -17.83
N TYR A 486 0.70 22.61 -19.09
CA TYR A 486 1.25 23.93 -19.47
C TYR A 486 0.39 25.17 -19.12
N TYR A 487 -0.92 25.00 -18.90
CA TYR A 487 -1.76 26.15 -18.60
C TYR A 487 -1.37 26.91 -17.31
N LYS A 488 -1.59 28.23 -17.31
CA LYS A 488 -1.26 29.06 -16.16
C LYS A 488 -2.23 28.86 -14.99
N SER A 489 -1.66 28.70 -13.79
CA SER A 489 -2.44 28.49 -12.57
C SER A 489 -2.12 29.59 -11.55
N THR A 490 -2.83 29.56 -10.43
CA THR A 490 -2.62 30.54 -9.35
C THR A 490 -1.33 30.16 -8.64
N SER A 491 -1.20 28.86 -8.39
CA SER A 491 -0.04 28.30 -7.71
C SER A 491 0.51 27.07 -8.42
N VAL A 492 1.83 26.96 -8.42
CA VAL A 492 2.52 25.84 -9.04
C VAL A 492 2.09 24.55 -8.32
N ASP A 493 2.06 23.43 -9.05
CA ASP A 493 1.69 22.14 -8.44
C ASP A 493 2.91 21.56 -7.75
N PHE A 494 2.70 20.89 -6.62
CA PHE A 494 3.81 20.31 -5.87
C PHE A 494 4.77 21.40 -5.45
N ALA A 495 4.21 22.47 -4.88
CA ALA A 495 4.98 23.60 -4.40
C ALA A 495 4.23 24.16 -3.21
N VAL A 496 4.87 25.02 -2.45
CA VAL A 496 4.27 25.63 -1.28
C VAL A 496 3.32 26.76 -1.68
N ASN A 497 2.21 26.91 -0.98
CA ASN A 497 1.29 27.99 -1.29
C ASN A 497 1.80 29.27 -0.65
N THR A 498 0.98 30.31 -0.63
CA THR A 498 1.40 31.58 -0.05
C THR A 498 1.58 31.59 1.48
N GLU A 499 1.24 30.48 2.13
CA GLU A 499 1.35 30.36 3.58
C GLU A 499 2.46 29.39 4.00
N GLY A 500 3.14 28.81 3.02
CA GLY A 500 4.20 27.87 3.31
C GLY A 500 3.74 26.44 3.52
N VAL A 501 2.56 26.10 3.01
CA VAL A 501 2.03 24.75 3.15
C VAL A 501 2.18 23.92 1.88
N TYR A 502 3.08 22.94 1.92
CA TYR A 502 3.33 22.08 0.77
C TYR A 502 2.17 21.10 0.52
N SER A 503 1.76 20.97 -0.74
CA SER A 503 0.67 20.05 -1.07
C SER A 503 0.83 19.32 -2.40
N GLU A 504 0.52 18.02 -2.38
CA GLU A 504 0.58 17.18 -3.58
C GLU A 504 -0.87 17.14 -4.08
N PRO A 505 -1.16 17.82 -5.20
CA PRO A 505 -2.48 17.92 -5.81
C PRO A 505 -3.15 16.65 -6.31
N ARG A 506 -2.37 15.70 -6.78
CA ARG A 506 -2.93 14.45 -7.30
C ARG A 506 -2.02 13.28 -7.05
N PRO A 507 -2.58 12.04 -7.08
CA PRO A 507 -1.81 10.83 -6.86
C PRO A 507 -1.16 10.37 -8.17
N ILE A 508 0.17 10.34 -8.20
CA ILE A 508 0.93 9.93 -9.38
C ILE A 508 1.34 8.45 -9.32
N GLY A 509 0.96 7.67 -10.33
CA GLY A 509 1.32 6.26 -10.37
C GLY A 509 2.55 6.08 -11.23
N THR A 510 2.88 4.85 -11.60
CA THR A 510 4.05 4.62 -12.46
C THR A 510 3.72 4.23 -13.91
N ARG A 511 2.63 3.51 -14.09
CA ARG A 511 2.22 3.05 -15.41
C ARG A 511 1.92 4.10 -16.47
N TYR A 512 2.96 4.66 -17.07
CA TYR A 512 2.80 5.65 -18.14
C TYR A 512 3.30 5.09 -19.46
N LEU A 513 4.52 4.56 -19.45
CA LEU A 513 5.12 3.95 -20.63
C LEU A 513 4.38 2.67 -20.97
N THR A 514 4.22 2.38 -22.26
CA THR A 514 3.53 1.16 -22.67
C THR A 514 4.51 0.14 -23.21
N ARG A 515 4.08 -1.11 -23.21
CA ARG A 515 4.89 -2.22 -23.68
C ARG A 515 3.95 -3.31 -24.17
N ASN A 516 4.38 -4.13 -25.12
CA ASN A 516 3.51 -5.20 -25.62
C ASN A 516 3.30 -6.32 -24.62
N LEU A 517 2.25 -7.09 -24.84
CA LEU A 517 1.92 -8.21 -23.97
C LEU A 517 2.46 -9.53 -24.53
C1 ZDO B . -35.60 -34.50 -10.79
C1M ZDO B . -34.70 -32.67 -9.57
C2 ZDO B . -35.57 -36.01 -10.88
C3 ZDO B . -34.17 -36.45 -11.26
C4 ZDO B . -33.72 -35.79 -12.54
C5 ZDO B . -33.91 -34.28 -12.46
C6 ZDO B . -33.58 -33.61 -13.79
O1 ZDO B . -34.64 -34.07 -9.84
N2 ZDO B . -35.93 -36.60 -9.59
S2 ZDO B . -37.27 -36.25 -8.80
OSA ZDO B . -37.30 -34.85 -8.47
OSB ZDO B . -37.31 -37.02 -7.59
OSC ZDO B . -38.57 -36.62 -9.73
O3 ZDO B . -34.16 -37.88 -11.43
O4 ZDO B . -32.33 -36.07 -12.70
O5 ZDO B . -35.25 -33.96 -12.08
O6 ZDO B . -34.22 -32.33 -13.90
S6 ZDO B . -33.40 -31.06 -13.62
OS1 ZDO B . -32.13 -31.16 -14.29
OS2 ZDO B . -34.10 -29.92 -14.13
OS3 ZDO B . -33.17 -30.90 -12.01
C1 IDS B . -31.92 -36.43 -14.02
C2 IDS B . -30.41 -36.66 -14.02
C3 IDS B . -29.99 -38.05 -13.54
C4 IDS B . -30.97 -39.13 -13.98
C5 IDS B . -32.39 -38.69 -13.66
C6 IDS B . -33.35 -39.79 -14.00
O2 IDS B . -29.87 -36.49 -15.33
O3 IDS B . -29.87 -38.05 -12.11
O4 IDS B . -30.81 -39.35 -15.37
O5 IDS B . -32.66 -37.56 -14.48
O6A IDS B . -34.18 -39.60 -14.91
O6B IDS B . -33.27 -40.87 -13.35
S IDS B . -29.79 -35.12 -16.00
O1S IDS B . -30.88 -34.29 -15.59
O2S IDS B . -28.54 -34.48 -15.65
O3S IDS B . -29.85 -35.34 -17.62
N2 SUS B . -28.82 -38.63 -17.42
C1 SUS B . -29.62 -40.08 -15.68
S1 SUS B . -28.34 -38.14 -18.87
C2 SUS B . -29.35 -39.95 -17.17
S2 SUS B . -29.72 -45.44 -15.77
C3 SUS B . -30.71 -40.19 -17.85
O3 SUS B . -30.52 -40.25 -19.28
S3 SUS B . -31.62 -39.86 -20.27
C4 SUS B . -31.24 -41.55 -17.42
O4 SUS B . -32.57 -41.75 -17.88
C5 SUS B . -31.14 -41.86 -15.92
O5 SUS B . -29.86 -41.47 -15.44
C6 SUS B . -31.26 -43.37 -15.72
O6 SUS B . -30.01 -43.97 -16.09
O1S SUS B . -28.03 -39.27 -19.70
O2S SUS B . -27.00 -37.23 -18.71
O3S SUS B . -29.37 -37.35 -19.48
O4S SUS B . -29.58 -45.60 -14.36
O5S SUS B . -30.80 -46.26 -16.24
O6S SUS B . -28.34 -45.89 -16.52
O7S SUS B . -31.70 -40.87 -21.30
O8S SUS B . -32.88 -39.76 -19.60
O9S SUS B . -31.28 -38.43 -20.96
C1 BDP B . -32.66 -43.08 -18.40
C2 BDP B . -34.08 -43.61 -18.44
C3 BDP B . -33.96 -45.08 -18.83
C4 BDP B . -33.20 -45.22 -20.15
C5 BDP B . -31.89 -44.46 -20.13
C6 BDP B . -31.29 -44.43 -21.49
O2 BDP B . -34.68 -43.50 -17.15
O3 BDP B . -35.27 -45.65 -18.95
O4 BDP B . -32.91 -46.60 -20.33
O5 BDP B . -32.15 -43.10 -19.73
O6A BDP B . -31.60 -43.51 -22.28
O6B BDP B . -30.48 -45.34 -21.81
C1 SGN B . -33.67 -47.21 -21.37
C2 SGN B . -34.07 -48.60 -20.87
C3 SGN B . -32.82 -49.44 -20.64
C4 SGN B . -31.95 -49.44 -21.89
C5 SGN B . -31.63 -47.99 -22.28
C6 SGN B . -30.83 -47.98 -23.57
N2 SGN B . -34.84 -48.45 -19.66
O3 SGN B . -33.20 -50.79 -20.34
O4 SGN B . -30.74 -50.15 -21.63
O5 SGN B . -32.87 -47.34 -22.55
O6 SGN B . -31.78 -47.94 -24.63
S1 SGN B . -36.44 -48.53 -19.70
O1S SGN B . -36.94 -48.75 -18.37
O2S SGN B . -36.84 -49.63 -20.54
O3S SGN B . -37.06 -47.15 -20.31
S2 SGN B . -31.66 -48.93 -25.81
O4S SGN B . -32.50 -48.49 -26.88
O5S SGN B . -30.30 -49.01 -26.25
O6S SGN B . -32.18 -50.40 -25.30
#